data_1TF0
#
_entry.id   1TF0
#
_cell.length_a   96.295
_cell.length_b   134.799
_cell.length_c   122.463
_cell.angle_alpha   90.00
_cell.angle_beta   90.00
_cell.angle_gamma   90.00
#
_symmetry.space_group_name_H-M   'C 2 2 21'
#
loop_
_entity.id
_entity.type
_entity.pdbx_description
1 polymer 'Serum albumin'
2 polymer 'Peptostreptococcal albumin-binding protein'
3 non-polymer 'DECANOIC ACID'
4 non-polymer 'CITRIC ACID'
#
loop_
_entity_poly.entity_id
_entity_poly.type
_entity_poly.pdbx_seq_one_letter_code
_entity_poly.pdbx_strand_id
1 'polypeptide(L)'
;DAHKSEVAHRFKDLGEENFKALVLIAFAQYLQQCPFEDHVKLVNEVTEFAKTCVADESAENCDKSLHTLFGDKLCTVATL
RETYGEMADCCAKQEPERNECFLQHKDDNPNLPRLVRPEVDVMCTAFHDNEETFLKKYLYEIARRHPYFYAPELLFFAKR
YKAAFTECCQAADKAACLLPKLDELRDEGKASSAKQRLKCASLQKFGERAFKAWAVARLSQRFPKAEFAEVSKLVTDLTK
VHTECCHGDLLECADDRADLAKYICENQDSISSKLKECCEKPLLEKSHCIAEVENDEMPADLPSLAADFVESKDVCKNYA
EAKDVFLGMFLYEYARRHPDYSVVLLLRLAKTYETTLEKCCAAADPHECYAKVFDEFKPLVEEPQNLIKQNCELFEQLGE
YKFQNALLVRYTKKVPQVSTPTLVEVSRNLGKVGSKCCKHPEAKRMPCAEDYLSVVLNQLCVLHEKTPVSDRVTKCCTES
LVNRRPCFSALEVDETYVPKEFNAETFTFHADICTLSEKERQIKKQTALVELVKHKPKATKEQLKAVMDDFAAFVEKCCK
ADDKETCFAEEG
;
A
2 'polypeptide(L)' TIDQWLLKNAKEDAIAELKKAGITSDFYFNAINKAKTVEEVNALKNEILKAHA B
#
# COMPACT_ATOMS: atom_id res chain seq x y z
N SER A 5 -17.84 -21.97 -16.76
CA SER A 5 -18.77 -20.87 -16.42
C SER A 5 -18.04 -19.67 -15.82
N GLU A 6 -16.96 -19.93 -15.09
CA GLU A 6 -16.28 -18.85 -14.35
C GLU A 6 -15.70 -17.75 -15.24
N VAL A 7 -15.12 -18.16 -16.35
CA VAL A 7 -14.53 -17.22 -17.28
C VAL A 7 -15.61 -16.48 -18.08
N ALA A 8 -16.77 -17.11 -18.22
CA ALA A 8 -17.92 -16.39 -18.72
C ALA A 8 -18.33 -15.37 -17.66
N HIS A 9 -18.61 -15.87 -16.47
CA HIS A 9 -18.94 -15.02 -15.30
C HIS A 9 -18.19 -13.69 -15.30
N ARG A 10 -16.87 -13.77 -15.41
CA ARG A 10 -16.06 -12.55 -15.32
C ARG A 10 -16.22 -11.66 -16.54
N PHE A 11 -16.18 -12.26 -17.73
CA PHE A 11 -16.31 -11.49 -18.98
C PHE A 11 -17.64 -10.77 -18.93
N LYS A 12 -18.69 -11.52 -18.57
CA LYS A 12 -20.03 -10.97 -18.40
C LYS A 12 -20.02 -9.80 -17.42
N ASP A 13 -19.38 -9.96 -16.26
CA ASP A 13 -19.37 -8.91 -15.24
C ASP A 13 -18.49 -7.69 -15.59
N LEU A 14 -17.34 -7.89 -16.23
CA LEU A 14 -16.35 -6.81 -16.43
C LEU A 14 -16.48 -6.00 -17.73
N GLY A 15 -16.84 -6.69 -18.82
CA GLY A 15 -16.86 -6.10 -20.14
C GLY A 15 -15.59 -6.48 -20.89
N GLU A 16 -15.66 -6.43 -22.22
CA GLU A 16 -14.51 -6.78 -23.08
C GLU A 16 -13.22 -6.05 -22.69
N GLU A 17 -13.25 -4.72 -22.73
CA GLU A 17 -12.05 -3.91 -22.53
C GLU A 17 -11.39 -4.15 -21.18
N ASN A 18 -12.19 -4.11 -20.12
CA ASN A 18 -11.66 -4.33 -18.78
C ASN A 18 -11.14 -5.76 -18.69
N PHE A 19 -11.90 -6.72 -19.19
CA PHE A 19 -11.47 -8.10 -19.14
C PHE A 19 -10.16 -8.16 -19.89
N LYS A 20 -10.21 -7.78 -21.16
CA LYS A 20 -9.03 -7.69 -22.00
C LYS A 20 -7.86 -7.11 -21.21
N ALA A 21 -8.03 -5.87 -20.76
CA ALA A 21 -6.94 -5.11 -20.17
C ALA A 21 -6.32 -5.81 -18.97
N LEU A 22 -7.16 -6.38 -18.11
CA LEU A 22 -6.68 -6.99 -16.88
C LEU A 22 -5.89 -8.27 -17.14
N VAL A 23 -6.32 -9.09 -18.08
CA VAL A 23 -5.64 -10.37 -18.30
C VAL A 23 -4.21 -10.07 -18.80
N LEU A 24 -4.08 -9.03 -19.61
CA LEU A 24 -2.77 -8.59 -20.08
C LEU A 24 -1.90 -8.15 -18.93
N ILE A 25 -2.51 -7.48 -17.95
CA ILE A 25 -1.82 -7.11 -16.72
C ILE A 25 -1.42 -8.36 -15.99
N ALA A 26 -2.32 -9.33 -15.96
CA ALA A 26 -2.12 -10.57 -15.21
C ALA A 26 -0.82 -11.20 -15.62
N PHE A 27 -0.72 -11.45 -16.93
CA PHE A 27 0.44 -12.12 -17.54
C PHE A 27 1.73 -11.36 -17.32
N ALA A 28 1.68 -10.07 -17.64
CA ALA A 28 2.81 -9.19 -17.39
C ALA A 28 3.40 -9.48 -16.01
N GLN A 29 2.58 -9.38 -14.98
CA GLN A 29 3.02 -9.60 -13.60
C GLN A 29 3.50 -11.04 -13.31
N TYR A 30 2.84 -12.03 -13.90
CA TYR A 30 3.34 -13.39 -13.82
C TYR A 30 4.64 -13.43 -14.58
N LEU A 31 4.57 -13.18 -15.88
CA LEU A 31 5.74 -13.33 -16.74
C LEU A 31 6.30 -11.99 -17.10
N GLN A 32 7.35 -11.63 -16.39
CA GLN A 32 7.88 -10.31 -16.50
C GLN A 32 8.86 -10.24 -17.67
N GLN A 33 9.62 -11.31 -17.89
CA GLN A 33 10.69 -11.29 -18.91
C GLN A 33 10.22 -11.92 -20.21
N CYS A 34 9.17 -11.36 -20.80
CA CYS A 34 8.64 -11.84 -22.08
C CYS A 34 7.96 -10.71 -22.90
N PRO A 35 8.04 -10.77 -24.24
CA PRO A 35 7.74 -9.59 -25.05
C PRO A 35 6.27 -9.23 -25.15
N PHE A 36 6.02 -8.07 -25.71
CA PHE A 36 4.70 -7.51 -25.83
C PHE A 36 3.82 -8.28 -26.82
N GLU A 37 4.44 -8.83 -27.87
CA GLU A 37 3.66 -9.51 -28.91
C GLU A 37 3.20 -10.89 -28.47
N ASP A 38 4.05 -11.60 -27.73
CA ASP A 38 3.61 -12.78 -27.01
C ASP A 38 2.39 -12.37 -26.19
N HIS A 39 2.60 -11.56 -25.16
CA HIS A 39 1.52 -11.25 -24.21
C HIS A 39 0.23 -10.89 -24.91
N VAL A 40 0.29 -10.02 -25.91
CA VAL A 40 -0.93 -9.58 -26.55
C VAL A 40 -1.69 -10.75 -27.21
N LYS A 41 -0.93 -11.64 -27.84
CA LYS A 41 -1.48 -12.77 -28.59
C LYS A 41 -2.38 -13.61 -27.70
N LEU A 42 -1.83 -14.04 -26.58
CA LEU A 42 -2.53 -14.95 -25.68
C LEU A 42 -3.66 -14.25 -24.94
N VAL A 43 -3.73 -12.92 -24.99
CA VAL A 43 -4.87 -12.23 -24.41
C VAL A 43 -6.07 -12.31 -25.36
N ASN A 44 -5.85 -12.01 -26.63
CA ASN A 44 -6.90 -12.17 -27.64
C ASN A 44 -7.41 -13.61 -27.68
N GLU A 45 -6.50 -14.57 -27.58
CA GLU A 45 -6.87 -15.97 -27.77
C GLU A 45 -7.48 -16.63 -26.53
N VAL A 46 -7.42 -15.96 -25.39
CA VAL A 46 -8.26 -16.34 -24.27
C VAL A 46 -9.57 -15.55 -24.37
N THR A 47 -9.48 -14.37 -25.00
CA THR A 47 -10.62 -13.50 -25.23
C THR A 47 -11.53 -14.03 -26.33
N GLU A 48 -10.95 -14.62 -27.37
CA GLU A 48 -11.78 -15.35 -28.34
C GLU A 48 -12.48 -16.45 -27.58
N PHE A 49 -11.76 -17.12 -26.68
CA PHE A 49 -12.32 -18.27 -26.00
C PHE A 49 -13.44 -17.85 -25.09
N ALA A 50 -13.25 -16.75 -24.40
CA ALA A 50 -14.26 -16.25 -23.47
C ALA A 50 -15.55 -15.94 -24.21
N LYS A 51 -15.43 -15.17 -25.29
CA LYS A 51 -16.57 -14.72 -26.07
C LYS A 51 -17.50 -15.91 -26.38
N THR A 52 -16.88 -17.07 -26.64
CA THR A 52 -17.59 -18.32 -26.92
C THR A 52 -18.21 -18.87 -25.64
N CYS A 53 -17.39 -18.99 -24.60
CA CYS A 53 -17.84 -19.38 -23.26
C CYS A 53 -19.07 -18.65 -22.76
N VAL A 54 -19.34 -17.45 -23.23
CA VAL A 54 -20.58 -16.74 -22.87
C VAL A 54 -21.73 -17.34 -23.65
N ALA A 55 -21.59 -17.31 -24.98
CA ALA A 55 -22.54 -17.91 -25.87
C ALA A 55 -22.43 -19.42 -25.75
N ASP A 56 -23.33 -20.00 -24.95
CA ASP A 56 -23.26 -21.41 -24.59
C ASP A 56 -22.10 -21.65 -23.64
N GLU A 57 -22.17 -20.91 -22.57
CA GLU A 57 -21.97 -21.43 -21.24
C GLU A 57 -21.09 -22.69 -21.17
N SER A 58 -21.59 -23.79 -21.72
CA SER A 58 -21.07 -25.12 -21.46
C SER A 58 -20.27 -25.73 -22.62
N ALA A 59 -19.35 -24.95 -23.20
CA ALA A 59 -18.46 -25.50 -24.24
C ALA A 59 -17.36 -26.32 -23.57
N GLU A 60 -16.89 -27.35 -24.28
CA GLU A 60 -15.94 -28.35 -23.77
C GLU A 60 -15.10 -27.89 -22.57
N ASN A 61 -14.45 -26.74 -22.73
CA ASN A 61 -13.45 -26.27 -21.79
C ASN A 61 -13.83 -25.00 -21.00
N CYS A 62 -15.05 -24.51 -21.19
CA CYS A 62 -15.55 -23.36 -20.43
C CYS A 62 -15.73 -23.72 -18.96
N ASP A 63 -15.93 -25.01 -18.74
CA ASP A 63 -15.84 -25.64 -17.44
C ASP A 63 -14.60 -25.24 -16.62
N LYS A 64 -13.47 -25.03 -17.30
CA LYS A 64 -12.14 -24.98 -16.64
C LYS A 64 -11.96 -23.93 -15.54
N SER A 65 -10.96 -24.18 -14.69
CA SER A 65 -10.75 -23.42 -13.44
C SER A 65 -9.67 -22.33 -13.57
N LEU A 66 -10.09 -21.23 -14.19
CA LEU A 66 -9.39 -19.91 -14.26
C LEU A 66 -7.86 -19.81 -14.19
N HIS A 67 -7.25 -20.22 -13.07
CA HIS A 67 -5.82 -20.49 -13.08
C HIS A 67 -5.53 -21.36 -14.29
N THR A 68 -6.07 -22.58 -14.23
CA THR A 68 -5.88 -23.61 -15.24
C THR A 68 -5.87 -23.03 -16.64
N LEU A 69 -6.86 -22.17 -16.93
CA LEU A 69 -6.92 -21.53 -18.22
C LEU A 69 -5.70 -20.68 -18.50
N PHE A 70 -5.41 -19.73 -17.60
CA PHE A 70 -4.22 -18.89 -17.73
C PHE A 70 -2.92 -19.68 -17.63
N GLY A 71 -2.85 -20.65 -16.73
CA GLY A 71 -1.68 -21.52 -16.60
C GLY A 71 -1.35 -22.27 -17.89
N ASP A 72 -2.39 -22.77 -18.56
CA ASP A 72 -2.22 -23.46 -19.83
C ASP A 72 -1.77 -22.50 -20.93
N LYS A 73 -2.28 -21.27 -20.93
CA LYS A 73 -1.99 -20.34 -22.03
C LYS A 73 -0.63 -19.69 -21.97
N LEU A 74 0.06 -19.82 -20.84
CA LEU A 74 1.35 -19.18 -20.65
C LEU A 74 2.47 -20.03 -21.28
N CYS A 75 2.58 -21.29 -20.87
CA CYS A 75 3.62 -22.22 -21.34
C CYS A 75 4.01 -22.08 -22.79
N THR A 76 2.99 -21.93 -23.63
CA THR A 76 3.17 -21.74 -25.08
C THR A 76 3.67 -20.34 -25.43
N ASP A 89 10.31 -24.27 -14.67
CA ASP A 89 9.91 -25.42 -13.88
C ASP A 89 8.42 -25.43 -13.56
N CYS A 90 7.75 -24.29 -13.79
CA CYS A 90 6.33 -24.11 -13.41
C CYS A 90 5.28 -24.71 -14.33
N CYS A 91 5.62 -24.94 -15.60
CA CYS A 91 4.66 -25.54 -16.53
C CYS A 91 4.69 -27.05 -16.45
N ALA A 92 5.73 -27.58 -15.82
CA ALA A 92 5.79 -29.00 -15.48
C ALA A 92 4.93 -29.30 -14.26
N LYS A 93 4.57 -28.27 -13.50
CA LYS A 93 4.01 -28.49 -12.19
C LYS A 93 2.52 -28.71 -12.19
N GLN A 94 2.07 -29.34 -11.10
CA GLN A 94 0.75 -29.91 -11.00
C GLN A 94 -0.08 -28.83 -10.36
N GLU A 95 -1.40 -29.04 -10.30
CA GLU A 95 -2.29 -27.94 -9.89
C GLU A 95 -2.41 -27.77 -8.37
N PRO A 96 -3.58 -27.41 -7.84
CA PRO A 96 -3.70 -26.28 -6.91
C PRO A 96 -2.40 -25.55 -6.49
N GLU A 97 -1.34 -25.61 -7.30
CA GLU A 97 0.02 -25.27 -6.84
C GLU A 97 0.89 -24.67 -7.92
N ARG A 98 0.89 -25.27 -9.11
CA ARG A 98 1.57 -24.69 -10.26
C ARG A 98 1.38 -23.17 -10.29
N ASN A 99 0.16 -22.73 -9.95
CA ASN A 99 -0.17 -21.31 -9.79
C ASN A 99 0.73 -20.61 -8.74
N GLU A 100 0.97 -21.27 -7.62
CA GLU A 100 1.78 -20.72 -6.54
C GLU A 100 3.21 -20.49 -7.04
N CYS A 101 3.62 -21.35 -7.96
CA CYS A 101 4.91 -21.26 -8.58
C CYS A 101 5.11 -19.87 -9.17
N PHE A 102 4.11 -19.41 -9.94
CA PHE A 102 4.14 -18.09 -10.59
C PHE A 102 4.34 -16.95 -9.60
N LEU A 103 3.36 -16.76 -8.70
CA LEU A 103 3.40 -15.66 -7.72
C LEU A 103 4.60 -15.73 -6.77
N GLN A 104 5.19 -16.92 -6.63
CA GLN A 104 6.52 -17.03 -6.08
C GLN A 104 7.45 -16.26 -7.02
N HIS A 105 7.78 -16.82 -8.18
CA HIS A 105 8.83 -16.19 -8.99
C HIS A 105 8.53 -14.72 -9.31
N LYS A 106 7.33 -14.25 -8.99
CA LYS A 106 7.04 -12.82 -9.00
C LYS A 106 8.01 -12.06 -8.09
N ASP A 107 8.91 -11.27 -8.67
CA ASP A 107 9.93 -10.60 -7.87
C ASP A 107 9.93 -9.07 -8.02
N ASP A 108 10.44 -8.41 -6.98
CA ASP A 108 10.26 -6.98 -6.77
C ASP A 108 11.00 -6.11 -7.80
N ASN A 109 12.29 -5.83 -7.58
CA ASN A 109 13.05 -4.95 -8.47
C ASN A 109 13.71 -5.71 -9.65
N PRO A 110 13.06 -5.60 -10.80
CA PRO A 110 12.98 -6.70 -11.81
C PRO A 110 14.24 -7.30 -12.46
N ASN A 111 15.22 -6.48 -12.84
CA ASN A 111 16.20 -6.80 -13.90
C ASN A 111 15.64 -6.15 -15.18
N LEU A 112 15.40 -4.84 -15.08
CA LEU A 112 14.86 -4.03 -16.18
C LEU A 112 15.33 -2.56 -16.09
N PRO A 113 15.51 -1.90 -17.24
CA PRO A 113 15.99 -0.50 -17.28
C PRO A 113 15.01 0.57 -16.79
N ARG A 114 15.34 1.83 -17.03
CA ARG A 114 14.42 2.94 -16.79
C ARG A 114 13.66 3.14 -18.09
N LEU A 115 12.47 3.74 -18.01
CA LEU A 115 11.67 3.97 -19.21
C LEU A 115 12.26 5.13 -19.99
N VAL A 116 12.45 6.25 -19.30
CA VAL A 116 13.05 7.43 -19.93
C VAL A 116 12.32 7.67 -21.26
N ARG A 117 11.14 8.27 -21.18
CA ARG A 117 10.25 8.45 -22.35
C ARG A 117 11.01 9.05 -23.56
N PRO A 118 10.78 8.52 -24.76
CA PRO A 118 11.71 8.72 -25.87
C PRO A 118 11.75 10.17 -26.39
N GLU A 119 10.58 10.71 -26.69
CA GLU A 119 10.40 12.13 -27.05
C GLU A 119 8.92 12.37 -27.35
N VAL A 120 8.47 13.61 -27.12
CA VAL A 120 7.04 13.95 -27.21
C VAL A 120 6.48 13.77 -28.63
N ASP A 121 7.34 13.97 -29.61
CA ASP A 121 6.96 13.81 -31.00
C ASP A 121 6.99 12.32 -31.33
N VAL A 122 8.10 11.68 -31.02
CA VAL A 122 8.23 10.23 -31.11
C VAL A 122 6.99 9.51 -30.55
N MET A 123 6.52 9.92 -29.37
CA MET A 123 5.37 9.30 -28.72
C MET A 123 4.03 9.61 -29.39
N CYS A 124 3.76 10.89 -29.64
CA CYS A 124 2.50 11.27 -30.25
C CYS A 124 2.33 10.66 -31.62
N THR A 125 3.44 10.54 -32.35
CA THR A 125 3.48 9.83 -33.60
C THR A 125 3.04 8.38 -33.42
N ALA A 126 3.64 7.71 -32.43
CA ALA A 126 3.31 6.32 -32.13
C ALA A 126 1.88 6.24 -31.65
N PHE A 127 1.51 7.16 -30.75
CA PHE A 127 0.14 7.30 -30.26
C PHE A 127 -0.90 7.37 -31.38
N HIS A 128 -0.60 8.11 -32.43
CA HIS A 128 -1.53 8.20 -33.55
C HIS A 128 -1.45 6.92 -34.38
N ASP A 129 -0.24 6.52 -34.75
CA ASP A 129 0.02 5.26 -35.48
C ASP A 129 -0.74 4.04 -34.94
N ASN A 130 -0.94 4.02 -33.64
CA ASN A 130 -1.92 3.14 -33.04
C ASN A 130 -2.26 3.67 -31.67
N GLU A 131 -3.43 4.32 -31.60
CA GLU A 131 -4.01 4.72 -30.35
C GLU A 131 -3.97 3.52 -29.43
N GLU A 132 -4.53 2.41 -29.89
CA GLU A 132 -4.76 1.23 -29.04
C GLU A 132 -3.48 0.52 -28.58
N THR A 133 -2.72 -0.09 -29.51
CA THR A 133 -1.43 -0.73 -29.18
C THR A 133 -0.55 0.11 -28.27
N PHE A 134 -0.46 1.40 -28.55
CA PHE A 134 0.27 2.31 -27.71
C PHE A 134 -0.22 2.17 -26.27
N LEU A 135 -1.51 2.42 -26.07
CA LEU A 135 -2.12 2.37 -24.74
C LEU A 135 -2.04 0.99 -24.12
N LYS A 136 -2.08 -0.02 -24.98
CA LYS A 136 -1.97 -1.39 -24.54
C LYS A 136 -0.54 -1.60 -24.02
N LYS A 137 0.40 -0.82 -24.53
CA LYS A 137 1.81 -0.97 -24.15
C LYS A 137 2.14 -0.32 -22.81
N TYR A 138 1.41 0.73 -22.46
CA TYR A 138 1.63 1.44 -21.21
C TYR A 138 1.31 0.51 -20.08
N LEU A 139 0.14 -0.09 -20.19
CA LEU A 139 -0.27 -1.09 -19.24
C LEU A 139 0.80 -2.12 -19.10
N TYR A 140 1.20 -2.73 -20.21
CA TYR A 140 2.23 -3.76 -20.18
C TYR A 140 3.46 -3.32 -19.41
N GLU A 141 3.92 -2.11 -19.72
CA GLU A 141 5.15 -1.57 -19.14
C GLU A 141 5.10 -1.34 -17.63
N ILE A 142 4.09 -0.63 -17.17
CA ILE A 142 3.93 -0.46 -15.74
C ILE A 142 3.62 -1.81 -15.13
N ALA A 143 2.68 -2.54 -15.73
CA ALA A 143 2.32 -3.84 -15.18
C ALA A 143 3.57 -4.65 -14.80
N ARG A 144 4.53 -4.73 -15.68
CA ARG A 144 5.70 -5.62 -15.51
C ARG A 144 6.82 -5.08 -14.60
N ARG A 145 6.88 -3.77 -14.38
CA ARG A 145 7.87 -3.17 -13.48
C ARG A 145 7.40 -3.11 -12.04
N HIS A 146 6.08 -3.30 -11.84
CA HIS A 146 5.52 -3.46 -10.52
C HIS A 146 4.52 -4.60 -10.55
N PRO A 147 4.96 -5.79 -10.12
CA PRO A 147 4.14 -6.96 -10.23
C PRO A 147 3.08 -7.03 -9.13
N TYR A 148 3.12 -6.12 -8.15
CA TYR A 148 2.00 -6.04 -7.23
C TYR A 148 1.17 -4.81 -7.41
N PHE A 149 1.29 -4.14 -8.54
CA PHE A 149 0.45 -2.98 -8.78
C PHE A 149 -0.97 -3.45 -8.67
N TYR A 150 -1.80 -2.62 -8.03
CA TYR A 150 -3.22 -2.89 -7.79
C TYR A 150 -4.00 -2.79 -9.09
N ALA A 151 -4.32 -3.94 -9.68
CA ALA A 151 -4.78 -3.93 -11.05
C ALA A 151 -5.86 -2.86 -11.34
N PRO A 152 -6.96 -2.82 -10.58
CA PRO A 152 -8.06 -1.95 -10.94
C PRO A 152 -7.69 -0.48 -10.88
N GLU A 153 -6.72 -0.10 -10.06
CA GLU A 153 -6.25 1.29 -10.12
C GLU A 153 -5.44 1.48 -11.38
N LEU A 154 -4.80 0.44 -11.86
CA LEU A 154 -4.03 0.57 -13.08
C LEU A 154 -4.94 0.97 -14.26
N LEU A 155 -6.07 0.30 -14.39
CA LEU A 155 -7.02 0.72 -15.38
C LEU A 155 -7.32 2.18 -15.23
N PHE A 156 -7.52 2.64 -13.99
CA PHE A 156 -7.82 4.06 -13.78
C PHE A 156 -6.70 4.95 -14.34
N PHE A 157 -5.47 4.68 -13.93
CA PHE A 157 -4.34 5.42 -14.45
C PHE A 157 -4.24 5.36 -15.99
N ALA A 158 -4.62 4.25 -16.60
CA ALA A 158 -4.66 4.13 -18.07
C ALA A 158 -5.58 5.16 -18.72
N LYS A 159 -6.79 5.27 -18.18
CA LYS A 159 -7.74 6.24 -18.68
C LYS A 159 -7.12 7.63 -18.47
N ARG A 160 -6.50 7.87 -17.33
CA ARG A 160 -5.79 9.14 -17.18
C ARG A 160 -4.65 9.27 -18.22
N TYR A 161 -4.00 8.16 -18.57
CA TYR A 161 -2.89 8.20 -19.52
C TYR A 161 -3.38 8.54 -20.93
N LYS A 162 -4.47 7.90 -21.33
CA LYS A 162 -5.09 8.06 -22.63
C LYS A 162 -5.63 9.45 -22.81
N ALA A 163 -6.18 9.99 -21.73
CA ALA A 163 -6.71 11.32 -21.73
C ALA A 163 -5.61 12.35 -21.99
N ALA A 164 -4.45 12.18 -21.37
CA ALA A 164 -3.35 13.14 -21.54
C ALA A 164 -2.84 13.24 -22.99
N PHE A 165 -2.74 12.12 -23.70
CA PHE A 165 -2.31 12.16 -25.11
C PHE A 165 -3.45 12.69 -25.97
N THR A 166 -4.66 12.29 -25.61
CA THR A 166 -5.89 12.80 -26.19
C THR A 166 -6.18 14.18 -25.59
N GLU A 167 -5.28 15.13 -25.86
CA GLU A 167 -5.45 16.53 -25.41
C GLU A 167 -4.24 17.35 -25.83
N CYS A 168 -3.06 16.84 -25.49
CA CYS A 168 -1.82 17.55 -25.76
C CYS A 168 -1.24 17.27 -27.14
N CYS A 169 -1.46 16.06 -27.66
CA CYS A 169 -0.81 15.62 -28.90
C CYS A 169 -1.12 16.44 -30.16
N GLN A 170 -2.11 17.32 -30.06
CA GLN A 170 -2.49 18.19 -31.17
C GLN A 170 -1.84 19.57 -31.04
N ALA A 171 -1.40 19.89 -29.82
CA ALA A 171 -0.94 21.23 -29.47
C ALA A 171 0.39 21.59 -30.13
N ALA A 172 0.65 22.89 -30.22
CA ALA A 172 1.91 23.39 -30.75
C ALA A 172 3.07 23.06 -29.81
N ASP A 173 2.86 23.30 -28.51
CA ASP A 173 3.81 22.87 -27.50
C ASP A 173 3.28 21.63 -26.81
N LYS A 174 3.47 20.51 -27.48
CA LYS A 174 3.07 19.20 -26.95
C LYS A 174 3.83 18.94 -25.67
N ALA A 175 5.10 19.36 -25.67
CA ALA A 175 6.01 19.18 -24.56
C ALA A 175 5.61 19.95 -23.30
N ALA A 176 5.38 21.25 -23.41
CA ALA A 176 4.99 22.05 -22.23
C ALA A 176 3.65 21.58 -21.61
N CYS A 177 2.88 20.80 -22.37
CA CYS A 177 1.56 20.31 -22.00
C CYS A 177 1.54 18.88 -21.49
N LEU A 178 2.16 17.99 -22.27
CA LEU A 178 2.07 16.57 -22.01
C LEU A 178 2.92 16.15 -20.82
N LEU A 179 4.18 16.60 -20.77
CA LEU A 179 5.11 16.19 -19.72
C LEU A 179 4.62 16.39 -18.28
N PRO A 180 4.32 17.63 -17.89
CA PRO A 180 3.75 17.87 -16.56
C PRO A 180 2.57 16.95 -16.24
N LYS A 181 1.73 16.67 -17.23
CA LYS A 181 0.63 15.75 -17.01
C LYS A 181 1.14 14.34 -16.71
N LEU A 182 2.14 13.89 -17.47
CA LEU A 182 2.67 12.53 -17.40
C LEU A 182 3.48 12.27 -16.14
N ASP A 183 4.24 13.28 -15.75
CA ASP A 183 5.08 13.20 -14.58
C ASP A 183 4.26 13.07 -13.28
N GLU A 184 3.19 13.83 -13.14
CA GLU A 184 2.27 13.66 -12.02
C GLU A 184 1.55 12.32 -12.10
N LEU A 185 1.51 11.75 -13.30
CA LEU A 185 0.95 10.42 -13.51
C LEU A 185 1.94 9.34 -13.04
N ARG A 186 3.21 9.51 -13.40
CA ARG A 186 4.27 8.62 -12.96
C ARG A 186 4.33 8.58 -11.43
N ASP A 187 4.34 9.78 -10.83
CA ASP A 187 4.39 9.89 -9.37
C ASP A 187 3.16 9.28 -8.70
N GLU A 188 2.00 9.49 -9.31
CA GLU A 188 0.80 8.94 -8.75
C GLU A 188 0.88 7.41 -8.76
N GLY A 189 1.33 6.81 -9.87
CA GLY A 189 1.58 5.36 -9.93
C GLY A 189 2.57 4.79 -8.90
N LYS A 190 3.72 5.45 -8.72
CA LYS A 190 4.71 4.95 -7.79
C LYS A 190 4.14 4.91 -6.38
N ALA A 191 3.32 5.91 -6.06
CA ALA A 191 2.71 6.01 -4.74
C ALA A 191 1.69 4.88 -4.57
N SER A 192 0.80 4.80 -5.53
CA SER A 192 -0.19 3.75 -5.56
C SER A 192 0.42 2.36 -5.39
N SER A 193 1.53 2.09 -6.07
CA SER A 193 2.10 0.74 -6.15
C SER A 193 2.78 0.31 -4.87
N ALA A 194 3.55 1.20 -4.28
CA ALA A 194 4.19 0.99 -2.98
C ALA A 194 3.08 0.71 -1.97
N LYS A 195 2.12 1.60 -1.93
CA LYS A 195 0.97 1.48 -1.08
C LYS A 195 0.39 0.10 -1.20
N GLN A 196 0.14 -0.34 -2.42
CA GLN A 196 -0.34 -1.68 -2.57
C GLN A 196 0.69 -2.70 -2.03
N ARG A 197 1.98 -2.44 -2.22
CA ARG A 197 2.98 -3.43 -1.88
C ARG A 197 2.92 -3.78 -0.39
N LEU A 198 2.66 -2.77 0.42
CA LEU A 198 2.47 -2.93 1.84
C LEU A 198 1.22 -3.77 2.19
N LYS A 199 0.15 -3.63 1.42
CA LYS A 199 -1.01 -4.45 1.67
C LYS A 199 -0.72 -5.92 1.38
N CYS A 200 0.03 -6.18 0.32
CA CYS A 200 0.36 -7.53 -0.03
C CYS A 200 1.32 -8.11 1.00
N ALA A 201 2.28 -7.30 1.44
CA ALA A 201 3.23 -7.75 2.44
C ALA A 201 2.48 -8.07 3.73
N SER A 202 1.60 -7.20 4.17
CA SER A 202 0.89 -7.47 5.40
C SER A 202 0.20 -8.81 5.28
N LEU A 203 -0.50 -9.01 4.19
CA LEU A 203 -1.28 -10.22 4.04
C LEU A 203 -0.36 -11.39 4.03
N GLN A 204 0.69 -11.30 3.25
CA GLN A 204 1.41 -12.50 2.87
C GLN A 204 2.45 -12.89 3.91
N LYS A 205 2.94 -11.91 4.67
CA LYS A 205 3.91 -12.19 5.71
C LYS A 205 3.31 -12.17 7.10
N PHE A 206 2.25 -11.42 7.36
CA PHE A 206 1.74 -11.38 8.73
C PHE A 206 0.29 -11.93 8.84
N GLY A 207 -0.34 -12.19 7.69
CA GLY A 207 -1.63 -12.82 7.65
C GLY A 207 -2.89 -11.96 7.68
N GLU A 208 -3.97 -12.64 7.34
CA GLU A 208 -5.27 -12.02 7.20
C GLU A 208 -5.70 -11.17 8.40
N ARG A 209 -5.51 -11.69 9.59
CA ARG A 209 -5.90 -10.99 10.79
C ARG A 209 -5.29 -9.60 10.89
N ALA A 210 -4.04 -9.47 10.50
CA ALA A 210 -3.35 -8.18 10.58
C ALA A 210 -3.94 -7.16 9.60
N PHE A 211 -4.22 -7.65 8.40
CA PHE A 211 -4.74 -6.84 7.40
C PHE A 211 -6.09 -6.41 7.83
N LYS A 212 -6.89 -7.35 8.33
CA LYS A 212 -8.25 -7.02 8.77
C LYS A 212 -8.20 -5.90 9.82
N ALA A 213 -7.19 -5.96 10.69
CA ALA A 213 -7.01 -4.99 11.75
C ALA A 213 -6.68 -3.62 11.19
N TRP A 214 -5.78 -3.63 10.23
CA TRP A 214 -5.47 -2.41 9.51
C TRP A 214 -6.71 -1.85 8.90
N ALA A 215 -7.46 -2.70 8.21
CA ALA A 215 -8.70 -2.24 7.57
C ALA A 215 -9.76 -1.74 8.56
N VAL A 216 -9.87 -2.35 9.73
CA VAL A 216 -10.79 -1.79 10.72
C VAL A 216 -10.34 -0.41 11.12
N ALA A 217 -9.05 -0.23 11.38
CA ALA A 217 -8.65 1.09 11.77
C ALA A 217 -8.92 2.12 10.67
N ARG A 218 -8.62 1.80 9.40
CA ARG A 218 -8.67 2.87 8.40
C ARG A 218 -10.11 3.21 8.10
N LEU A 219 -10.90 2.18 7.91
CA LEU A 219 -12.27 2.37 7.58
C LEU A 219 -13.07 3.01 8.70
N SER A 220 -12.71 2.73 9.94
CA SER A 220 -13.39 3.35 11.04
C SER A 220 -13.02 4.81 11.08
N GLN A 221 -11.76 5.13 10.82
CA GLN A 221 -11.40 6.55 10.77
C GLN A 221 -12.17 7.23 9.68
N ARG A 222 -12.32 6.54 8.56
CA ARG A 222 -12.87 7.13 7.36
C ARG A 222 -14.39 7.08 7.34
N PHE A 223 -14.99 6.06 7.95
CA PHE A 223 -16.44 5.97 8.06
C PHE A 223 -16.92 5.95 9.52
N PRO A 224 -16.58 6.96 10.31
CA PRO A 224 -16.89 6.92 11.75
C PRO A 224 -18.39 6.92 12.06
N LYS A 225 -19.27 7.35 11.15
CA LYS A 225 -20.69 7.21 11.47
C LYS A 225 -21.18 5.82 11.18
N ALA A 226 -20.45 5.02 10.41
CA ALA A 226 -20.86 3.64 10.23
C ALA A 226 -20.93 2.87 11.55
N GLU A 227 -21.89 1.96 11.62
CA GLU A 227 -21.96 1.05 12.74
C GLU A 227 -20.92 -0.01 12.48
N PHE A 228 -20.56 -0.71 13.53
CA PHE A 228 -19.53 -1.73 13.44
C PHE A 228 -19.83 -2.81 12.44
N ALA A 229 -21.10 -3.14 12.35
CA ALA A 229 -21.51 -4.23 11.52
C ALA A 229 -21.23 -3.88 10.07
N GLU A 230 -21.49 -2.66 9.67
CA GLU A 230 -21.17 -2.23 8.31
C GLU A 230 -19.69 -2.15 8.12
N VAL A 231 -18.97 -1.83 9.19
CA VAL A 231 -17.53 -1.89 9.06
C VAL A 231 -17.01 -3.35 8.92
N SER A 232 -17.68 -4.34 9.50
CA SER A 232 -17.26 -5.71 9.34
C SER A 232 -17.43 -6.04 7.87
N LYS A 233 -18.48 -5.50 7.27
CA LYS A 233 -18.82 -5.80 5.90
C LYS A 233 -17.70 -5.27 5.04
N LEU A 234 -17.38 -4.00 5.18
CA LEU A 234 -16.38 -3.41 4.34
C LEU A 234 -15.04 -4.14 4.46
N VAL A 235 -14.63 -4.40 5.68
CA VAL A 235 -13.37 -5.10 5.94
C VAL A 235 -13.36 -6.52 5.36
N THR A 236 -14.38 -7.30 5.63
CA THR A 236 -14.38 -8.66 5.10
C THR A 236 -14.24 -8.64 3.58
N ASP A 237 -14.92 -7.72 2.92
CA ASP A 237 -14.94 -7.67 1.45
C ASP A 237 -13.70 -6.96 0.91
N LEU A 238 -13.24 -5.95 1.62
CA LEU A 238 -12.00 -5.32 1.27
C LEU A 238 -10.84 -6.31 1.32
N THR A 239 -10.90 -7.20 2.31
CA THR A 239 -9.86 -8.15 2.54
C THR A 239 -9.82 -9.21 1.47
N LYS A 240 -10.98 -9.60 0.96
CA LYS A 240 -11.04 -10.47 -0.21
C LYS A 240 -10.45 -9.81 -1.43
N VAL A 241 -10.84 -8.58 -1.66
CA VAL A 241 -10.35 -7.87 -2.83
C VAL A 241 -8.83 -7.91 -2.83
N HIS A 242 -8.21 -7.56 -1.73
CA HIS A 242 -6.76 -7.59 -1.64
C HIS A 242 -6.14 -8.98 -1.52
N THR A 243 -6.78 -9.90 -0.85
CA THR A 243 -6.30 -11.26 -0.88
C THR A 243 -6.14 -11.66 -2.32
N GLU A 244 -7.21 -11.55 -3.08
CA GLU A 244 -7.25 -12.05 -4.44
C GLU A 244 -6.30 -11.31 -5.37
N CYS A 245 -6.37 -9.99 -5.32
CA CYS A 245 -5.49 -9.11 -6.07
C CYS A 245 -4.00 -9.33 -5.86
N CYS A 246 -3.60 -9.34 -4.59
CA CYS A 246 -2.22 -9.70 -4.21
C CYS A 246 -1.88 -11.11 -4.62
N HIS A 247 -2.88 -11.96 -4.76
CA HIS A 247 -2.67 -13.34 -5.17
C HIS A 247 -2.83 -13.56 -6.67
N GLY A 248 -2.96 -12.48 -7.46
CA GLY A 248 -2.96 -12.58 -8.93
C GLY A 248 -4.29 -12.88 -9.62
N ASP A 249 -5.33 -13.02 -8.83
CA ASP A 249 -6.64 -13.39 -9.35
C ASP A 249 -7.31 -12.11 -9.76
N LEU A 250 -6.87 -11.54 -10.87
CA LEU A 250 -7.17 -10.14 -11.08
C LEU A 250 -8.59 -9.85 -11.48
N LEU A 251 -9.28 -10.80 -12.12
CA LEU A 251 -10.67 -10.58 -12.52
C LEU A 251 -11.60 -10.59 -11.30
N GLU A 252 -11.47 -11.65 -10.51
CA GLU A 252 -12.28 -11.82 -9.30
C GLU A 252 -12.00 -10.68 -8.33
N CYS A 253 -10.75 -10.24 -8.29
CA CYS A 253 -10.42 -9.04 -7.59
C CYS A 253 -11.18 -7.85 -8.16
N ALA A 254 -11.04 -7.63 -9.46
CA ALA A 254 -11.62 -6.42 -10.07
C ALA A 254 -13.14 -6.34 -9.97
N ASP A 255 -13.77 -7.51 -9.95
CA ASP A 255 -15.22 -7.61 -9.95
C ASP A 255 -15.73 -7.46 -8.52
N ASP A 256 -14.95 -7.96 -7.57
CA ASP A 256 -15.30 -7.81 -6.17
C ASP A 256 -15.14 -6.38 -5.74
N ARG A 257 -14.14 -5.72 -6.29
CA ARG A 257 -14.04 -4.30 -6.11
C ARG A 257 -15.32 -3.63 -6.62
N ALA A 258 -15.68 -3.90 -7.85
CA ALA A 258 -16.90 -3.33 -8.37
C ALA A 258 -18.07 -3.62 -7.41
N ASP A 259 -18.16 -4.82 -6.84
CA ASP A 259 -19.32 -5.19 -6.03
C ASP A 259 -19.39 -4.37 -4.76
N LEU A 260 -18.23 -4.20 -4.15
CA LEU A 260 -18.12 -3.46 -2.92
C LEU A 260 -18.46 -1.98 -3.15
N ALA A 261 -18.12 -1.43 -4.30
CA ALA A 261 -18.49 -0.06 -4.60
C ALA A 261 -19.98 -0.02 -4.82
N LYS A 262 -20.48 -1.10 -5.40
CA LYS A 262 -21.89 -1.29 -5.61
C LYS A 262 -22.57 -1.25 -4.22
N TYR A 263 -22.19 -2.14 -3.33
CA TYR A 263 -22.78 -2.16 -2.01
C TYR A 263 -22.60 -0.81 -1.30
N ILE A 264 -21.41 -0.20 -1.39
CA ILE A 264 -21.18 1.09 -0.75
C ILE A 264 -22.05 2.19 -1.32
N CYS A 265 -22.20 2.25 -2.64
CA CYS A 265 -23.00 3.32 -3.22
C CYS A 265 -24.51 3.18 -2.99
N GLU A 266 -24.98 1.98 -2.64
CA GLU A 266 -26.41 1.76 -2.36
C GLU A 266 -26.78 2.07 -0.91
N ASN A 267 -25.86 1.82 0.01
CA ASN A 267 -26.06 2.09 1.44
C ASN A 267 -25.23 3.27 1.95
N GLN A 268 -25.13 4.33 1.15
CA GLN A 268 -24.45 5.57 1.56
C GLN A 268 -25.06 6.06 2.85
N ASP A 269 -26.37 5.91 2.95
CA ASP A 269 -27.14 6.43 4.06
C ASP A 269 -26.49 5.98 5.38
N SER A 270 -25.74 4.89 5.32
CA SER A 270 -25.40 4.16 6.47
C SER A 270 -23.90 3.77 6.45
N ILE A 271 -23.10 4.63 5.81
CA ILE A 271 -21.63 4.52 5.81
C ILE A 271 -21.04 5.93 5.90
N SER A 272 -21.46 6.80 5.00
CA SER A 272 -20.94 8.13 5.02
C SER A 272 -21.74 9.06 4.16
N SER A 273 -21.66 10.34 4.50
CA SER A 273 -22.33 11.38 3.72
C SER A 273 -21.43 12.01 2.67
N LYS A 274 -20.20 11.53 2.53
CA LYS A 274 -19.23 12.21 1.69
C LYS A 274 -19.08 11.54 0.34
N LEU A 275 -20.02 10.67 -0.01
CA LEU A 275 -19.87 9.77 -1.13
C LEU A 275 -20.75 10.04 -2.36
N LYS A 276 -21.77 10.91 -2.25
CA LYS A 276 -22.74 11.07 -3.35
C LYS A 276 -22.03 11.33 -4.69
N GLU A 277 -21.13 12.31 -4.66
CA GLU A 277 -20.34 12.73 -5.83
C GLU A 277 -19.45 11.61 -6.36
N CYS A 278 -18.79 10.86 -5.46
CA CYS A 278 -18.03 9.68 -5.87
C CYS A 278 -18.97 8.74 -6.57
N CYS A 279 -20.10 8.53 -5.91
CA CYS A 279 -21.05 7.54 -6.33
C CYS A 279 -21.94 8.03 -7.43
N GLU A 280 -21.52 9.08 -8.14
CA GLU A 280 -22.22 9.61 -9.32
C GLU A 280 -21.33 9.44 -10.54
N LYS A 281 -20.40 8.48 -10.51
CA LYS A 281 -19.30 8.42 -11.48
C LYS A 281 -19.20 7.09 -12.24
N PRO A 282 -18.49 7.09 -13.38
CA PRO A 282 -18.16 5.84 -14.09
C PRO A 282 -17.34 4.86 -13.24
N LEU A 283 -17.51 3.56 -13.48
CA LEU A 283 -16.93 2.53 -12.64
C LEU A 283 -15.47 2.79 -12.23
N LEU A 284 -14.64 3.06 -13.22
CA LEU A 284 -13.19 3.16 -13.00
C LEU A 284 -12.86 4.27 -12.02
N GLU A 285 -13.53 5.40 -12.20
CA GLU A 285 -13.34 6.58 -11.33
C GLU A 285 -14.04 6.40 -9.97
N LYS A 286 -15.09 5.58 -9.93
CA LYS A 286 -15.87 5.44 -8.72
C LYS A 286 -15.04 4.88 -7.58
N SER A 287 -14.40 3.72 -7.78
CA SER A 287 -13.73 3.07 -6.65
C SER A 287 -12.61 3.97 -6.15
N HIS A 288 -11.71 4.31 -7.05
CA HIS A 288 -10.65 5.28 -6.84
C HIS A 288 -11.08 6.50 -6.00
N CYS A 289 -12.15 7.14 -6.42
CA CYS A 289 -12.72 8.23 -5.67
C CYS A 289 -13.06 7.80 -4.24
N ILE A 290 -13.89 6.76 -4.12
CA ILE A 290 -14.27 6.23 -2.83
C ILE A 290 -13.05 5.89 -2.01
N ALA A 291 -12.09 5.23 -2.64
CA ALA A 291 -10.84 4.86 -1.96
C ALA A 291 -10.11 6.04 -1.34
N GLU A 292 -10.30 7.23 -1.88
CA GLU A 292 -9.57 8.41 -1.42
C GLU A 292 -10.36 9.45 -0.60
N VAL A 293 -11.59 9.12 -0.22
CA VAL A 293 -12.50 10.14 0.28
C VAL A 293 -12.15 10.64 1.69
N GLU A 294 -12.37 11.94 1.90
CA GLU A 294 -12.21 12.62 3.20
C GLU A 294 -12.80 11.77 4.29
N ASN A 295 -12.16 11.68 5.44
CA ASN A 295 -12.84 11.08 6.54
C ASN A 295 -14.16 11.83 6.70
N ASP A 296 -15.21 11.12 7.10
CA ASP A 296 -16.48 11.70 7.46
C ASP A 296 -16.36 12.39 8.81
N GLU A 297 -17.24 13.33 9.11
CA GLU A 297 -17.30 13.91 10.45
C GLU A 297 -17.73 12.82 11.42
N MET A 298 -17.09 12.72 12.56
CA MET A 298 -17.51 11.72 13.52
C MET A 298 -18.79 12.18 14.20
N PRO A 299 -19.59 11.26 14.71
CA PRO A 299 -20.81 11.61 15.45
C PRO A 299 -20.54 12.48 16.68
N ALA A 300 -21.47 13.39 16.92
CA ALA A 300 -21.19 14.59 17.70
C ALA A 300 -20.86 14.30 19.14
N ASP A 301 -21.36 13.19 19.67
CA ASP A 301 -21.11 12.99 21.07
C ASP A 301 -20.92 11.55 21.41
N LEU A 302 -19.67 11.21 21.62
CA LEU A 302 -19.35 9.85 21.71
C LEU A 302 -18.91 9.61 23.13
N PRO A 303 -19.51 8.59 23.72
CA PRO A 303 -19.17 8.26 25.10
C PRO A 303 -17.71 7.83 25.13
N SER A 304 -17.07 7.88 26.30
CA SER A 304 -15.69 7.37 26.39
C SER A 304 -15.69 5.87 26.30
N LEU A 305 -14.54 5.32 25.97
CA LEU A 305 -14.42 3.89 25.86
C LEU A 305 -14.34 3.22 27.21
N ALA A 306 -14.23 4.03 28.25
CA ALA A 306 -14.08 3.49 29.53
C ALA A 306 -15.21 2.47 29.74
N ALA A 307 -16.44 2.84 29.42
CA ALA A 307 -17.55 2.03 29.90
C ALA A 307 -17.43 0.59 29.41
N ASP A 308 -17.38 0.41 28.10
CA ASP A 308 -17.31 -0.90 27.49
C ASP A 308 -16.01 -1.65 27.75
N PHE A 309 -14.90 -0.93 27.87
CA PHE A 309 -13.59 -1.56 27.75
C PHE A 309 -12.73 -1.56 29.00
N VAL A 310 -13.15 -0.82 30.04
CA VAL A 310 -12.49 -0.91 31.32
C VAL A 310 -13.46 -0.99 32.53
N GLU A 311 -14.58 -0.28 32.49
CA GLU A 311 -15.47 -0.24 33.67
C GLU A 311 -16.45 -1.40 33.75
N SER A 312 -16.83 -1.94 32.63
CA SER A 312 -17.86 -2.91 32.62
C SER A 312 -17.44 -4.13 33.46
N LYS A 313 -18.35 -4.65 34.25
CA LYS A 313 -18.09 -5.90 34.90
C LYS A 313 -17.80 -6.99 33.92
N ASP A 314 -18.14 -6.82 32.65
CA ASP A 314 -18.04 -7.90 31.67
C ASP A 314 -16.90 -7.82 30.65
N VAL A 315 -15.91 -6.98 30.85
CA VAL A 315 -14.82 -6.93 29.87
C VAL A 315 -14.27 -8.31 29.50
N CYS A 316 -13.82 -9.07 30.49
CA CYS A 316 -13.24 -10.38 30.26
C CYS A 316 -14.25 -11.40 29.76
N LYS A 317 -15.44 -11.43 30.32
CA LYS A 317 -16.44 -12.32 29.74
C LYS A 317 -16.61 -12.00 28.25
N ASN A 318 -16.73 -10.73 27.89
CA ASN A 318 -16.92 -10.37 26.47
C ASN A 318 -15.73 -10.74 25.63
N TYR A 319 -14.55 -10.49 26.18
CA TYR A 319 -13.35 -10.80 25.46
C TYR A 319 -13.20 -12.29 25.22
N ALA A 320 -13.36 -13.11 26.26
CA ALA A 320 -13.24 -14.57 26.11
C ALA A 320 -14.19 -15.11 25.00
N GLU A 321 -15.41 -14.59 24.93
CA GLU A 321 -16.41 -15.12 24.01
C GLU A 321 -16.05 -14.90 22.55
N ALA A 322 -15.22 -13.93 22.24
CA ALA A 322 -14.93 -13.66 20.84
C ALA A 322 -13.80 -12.64 20.67
N LYS A 323 -12.61 -13.03 21.08
CA LYS A 323 -11.51 -12.08 21.22
C LYS A 323 -11.34 -11.12 20.05
N ASP A 324 -11.40 -11.61 18.84
CA ASP A 324 -10.99 -10.76 17.74
C ASP A 324 -12.02 -9.70 17.41
N VAL A 325 -13.26 -9.98 17.73
CA VAL A 325 -14.27 -9.02 17.51
C VAL A 325 -14.24 -8.02 18.64
N PHE A 326 -14.01 -8.54 19.83
CA PHE A 326 -13.89 -7.65 20.96
C PHE A 326 -12.77 -6.65 20.69
N LEU A 327 -11.61 -7.14 20.31
CA LEU A 327 -10.53 -6.19 20.03
C LEU A 327 -10.88 -5.32 18.82
N GLY A 328 -11.61 -5.92 17.88
CA GLY A 328 -12.07 -5.21 16.70
C GLY A 328 -12.91 -4.00 17.04
N MET A 329 -13.92 -4.22 17.86
CA MET A 329 -14.80 -3.15 18.32
C MET A 329 -13.97 -2.13 19.09
N PHE A 330 -13.05 -2.61 19.89
CA PHE A 330 -12.16 -1.69 20.56
C PHE A 330 -11.48 -0.79 19.55
N LEU A 331 -10.96 -1.40 18.50
CA LEU A 331 -10.16 -0.69 17.52
C LEU A 331 -11.02 0.27 16.72
N TYR A 332 -12.23 -0.17 16.42
CA TYR A 332 -13.28 0.61 15.78
C TYR A 332 -13.63 1.79 16.61
N GLU A 333 -13.90 1.55 17.89
CA GLU A 333 -14.31 2.70 18.74
C GLU A 333 -13.17 3.70 18.91
N TYR A 334 -11.95 3.21 19.09
CA TYR A 334 -10.86 4.18 19.23
C TYR A 334 -10.63 5.00 17.97
N ALA A 335 -10.71 4.34 16.81
CA ALA A 335 -10.24 4.89 15.59
C ALA A 335 -11.22 5.91 15.09
N ARG A 336 -12.50 5.63 15.29
CA ARG A 336 -13.51 6.50 14.78
C ARG A 336 -13.47 7.83 15.51
N ARG A 337 -12.93 7.80 16.72
CA ARG A 337 -12.74 9.03 17.52
C ARG A 337 -11.41 9.65 17.24
N HIS A 338 -10.59 9.04 16.41
CA HIS A 338 -9.21 9.54 16.29
C HIS A 338 -8.74 9.56 14.85
N PRO A 339 -9.34 10.41 14.05
CA PRO A 339 -8.88 10.65 12.72
C PRO A 339 -7.45 11.21 12.68
N ASP A 340 -7.01 11.79 13.80
CA ASP A 340 -5.69 12.39 13.95
C ASP A 340 -4.61 11.41 14.32
N TYR A 341 -4.94 10.16 14.60
CA TYR A 341 -3.88 9.22 14.86
C TYR A 341 -3.58 8.48 13.59
N SER A 342 -2.32 8.11 13.40
CA SER A 342 -1.95 7.21 12.29
C SER A 342 -2.62 5.88 12.49
N VAL A 343 -2.70 5.11 11.43
CA VAL A 343 -3.28 3.77 11.53
C VAL A 343 -2.39 2.85 12.37
N VAL A 344 -1.08 2.86 12.10
CA VAL A 344 -0.19 1.97 12.86
C VAL A 344 -0.22 2.28 14.32
N LEU A 345 -0.16 3.54 14.69
CA LEU A 345 -0.34 3.90 16.10
C LEU A 345 -1.59 3.21 16.62
N LEU A 346 -2.70 3.34 15.91
CA LEU A 346 -3.92 2.76 16.41
C LEU A 346 -3.73 1.30 16.67
N LEU A 347 -3.07 0.62 15.76
CA LEU A 347 -2.89 -0.81 15.92
C LEU A 347 -2.02 -1.06 17.15
N ARG A 348 -1.03 -0.22 17.39
CA ARG A 348 -0.22 -0.43 18.59
C ARG A 348 -1.07 -0.31 19.83
N LEU A 349 -2.03 0.60 19.83
CA LEU A 349 -2.90 0.73 20.99
C LEU A 349 -3.73 -0.52 21.13
N ALA A 350 -4.29 -1.01 20.05
CA ALA A 350 -5.07 -2.22 20.16
C ALA A 350 -4.19 -3.34 20.66
N LYS A 351 -2.98 -3.40 20.16
CA LYS A 351 -2.08 -4.45 20.60
C LYS A 351 -1.84 -4.34 22.10
N THR A 352 -1.62 -3.12 22.58
CA THR A 352 -1.43 -2.87 23.98
C THR A 352 -2.66 -3.32 24.79
N TYR A 353 -3.83 -2.97 24.33
CA TYR A 353 -5.02 -3.39 25.04
C TYR A 353 -5.00 -4.89 25.07
N GLU A 354 -4.74 -5.49 23.94
CA GLU A 354 -4.78 -6.91 23.84
C GLU A 354 -3.78 -7.56 24.81
N THR A 355 -2.54 -7.07 24.91
CA THR A 355 -1.68 -7.83 25.75
C THR A 355 -2.05 -7.58 27.21
N THR A 356 -2.62 -6.41 27.53
CA THR A 356 -3.17 -6.20 28.84
C THR A 356 -4.34 -7.15 29.14
N LEU A 357 -5.25 -7.34 28.20
CA LEU A 357 -6.29 -8.27 28.52
C LEU A 357 -5.74 -9.69 28.63
N GLU A 358 -4.80 -10.07 27.78
CA GLU A 358 -4.28 -11.44 27.89
C GLU A 358 -3.61 -11.63 29.27
N LYS A 359 -2.93 -10.62 29.79
CA LYS A 359 -2.36 -10.68 31.13
C LYS A 359 -3.43 -10.59 32.22
N CYS A 360 -4.36 -9.66 32.10
CA CYS A 360 -5.27 -9.36 33.19
C CYS A 360 -6.47 -10.26 33.37
N CYS A 361 -6.94 -10.87 32.32
CA CYS A 361 -8.10 -11.72 32.44
C CYS A 361 -7.71 -13.06 33.02
N ALA A 362 -6.41 -13.30 33.14
CA ALA A 362 -5.90 -14.41 33.97
C ALA A 362 -5.91 -14.14 35.50
N ALA A 363 -6.05 -12.89 35.90
CA ALA A 363 -5.73 -12.51 37.28
C ALA A 363 -6.90 -12.76 38.20
N ALA A 364 -6.63 -12.79 39.49
CA ALA A 364 -7.69 -12.92 40.46
C ALA A 364 -8.71 -11.77 40.40
N ASP A 365 -8.24 -10.57 40.03
CA ASP A 365 -9.03 -9.32 40.00
C ASP A 365 -8.62 -8.61 38.75
N PRO A 366 -9.09 -9.10 37.63
CA PRO A 366 -8.76 -8.49 36.37
C PRO A 366 -8.93 -6.99 36.36
N HIS A 367 -10.04 -6.53 36.91
CA HIS A 367 -10.44 -5.14 36.85
C HIS A 367 -9.35 -4.23 37.43
N GLU A 368 -8.90 -4.60 38.61
CA GLU A 368 -7.80 -3.91 39.23
C GLU A 368 -6.63 -3.91 38.30
N CYS A 369 -6.31 -5.07 37.76
CA CYS A 369 -5.18 -5.23 36.89
C CYS A 369 -5.20 -4.33 35.62
N TYR A 370 -6.35 -4.14 34.96
CA TYR A 370 -6.39 -3.26 33.79
C TYR A 370 -6.99 -1.87 34.01
N ALA A 371 -7.32 -1.52 35.25
CA ALA A 371 -7.94 -0.23 35.47
C ALA A 371 -7.21 0.89 34.74
N LYS A 372 -5.88 0.81 34.71
CA LYS A 372 -5.10 1.89 34.16
C LYS A 372 -4.57 1.69 32.74
N VAL A 373 -5.20 0.84 31.92
CA VAL A 373 -4.70 0.65 30.54
C VAL A 373 -4.56 1.99 29.88
N PHE A 374 -5.56 2.84 29.98
CA PHE A 374 -5.52 4.02 29.14
C PHE A 374 -4.27 4.83 29.35
N ASP A 375 -3.74 4.80 30.56
CA ASP A 375 -2.44 5.41 30.86
C ASP A 375 -1.27 4.91 30.03
N GLU A 376 -1.31 3.66 29.59
CA GLU A 376 -0.25 3.11 28.80
C GLU A 376 -0.21 3.75 27.40
N PHE A 377 -1.35 4.26 26.93
CA PHE A 377 -1.45 4.79 25.59
C PHE A 377 -0.73 6.12 25.44
N LYS A 378 -0.51 6.83 26.52
CA LYS A 378 0.04 8.18 26.41
C LYS A 378 1.44 8.18 25.82
N PRO A 379 2.37 7.45 26.38
CA PRO A 379 3.70 7.44 25.80
C PRO A 379 3.66 6.91 24.38
N LEU A 380 2.79 5.97 24.13
CA LEU A 380 2.68 5.46 22.78
C LEU A 380 2.22 6.53 21.79
N VAL A 381 1.37 7.46 22.22
CA VAL A 381 0.94 8.57 21.40
C VAL A 381 2.03 9.60 21.29
N GLU A 382 2.59 10.01 22.42
CA GLU A 382 3.65 10.99 22.50
C GLU A 382 4.79 10.68 21.52
N GLU A 383 5.12 9.41 21.37
CA GLU A 383 6.35 9.04 20.72
C GLU A 383 6.44 9.39 19.23
N PRO A 384 5.44 9.06 18.45
CA PRO A 384 5.35 9.52 17.08
C PRO A 384 5.10 11.02 16.92
N GLN A 385 4.29 11.57 17.80
CA GLN A 385 4.12 13.03 17.86
C GLN A 385 5.45 13.71 17.98
N ASN A 386 6.28 13.30 18.92
CA ASN A 386 7.53 13.98 19.18
C ASN A 386 8.44 13.83 17.98
N LEU A 387 8.45 12.64 17.41
CA LEU A 387 9.38 12.35 16.33
C LEU A 387 9.16 13.18 15.07
N ILE A 388 7.95 13.12 14.55
CA ILE A 388 7.51 13.88 13.39
C ILE A 388 7.81 15.33 13.61
N LYS A 389 7.51 15.80 14.81
CA LYS A 389 7.78 17.18 15.18
C LYS A 389 9.24 17.51 15.02
N GLN A 390 10.15 16.64 15.49
CA GLN A 390 11.58 16.89 15.31
C GLN A 390 11.87 16.89 13.82
N ASN A 391 11.60 15.78 13.13
CA ASN A 391 11.94 15.71 11.70
C ASN A 391 11.37 16.88 10.85
N CYS A 392 10.17 17.35 11.18
CA CYS A 392 9.64 18.52 10.50
C CYS A 392 10.43 19.79 10.81
N GLU A 393 10.85 19.94 12.06
CA GLU A 393 11.67 21.10 12.38
C GLU A 393 12.95 21.05 11.54
N LEU A 394 13.49 19.87 11.35
CA LEU A 394 14.72 19.70 10.62
C LEU A 394 14.51 19.98 9.13
N PHE A 395 13.41 19.43 8.59
CA PHE A 395 13.05 19.65 7.19
C PHE A 395 12.87 21.12 6.93
N GLU A 396 12.21 21.78 7.87
CA GLU A 396 11.95 23.21 7.80
C GLU A 396 13.22 23.98 7.65
N GLN A 397 14.25 23.61 8.38
CA GLN A 397 15.55 24.31 8.31
C GLN A 397 16.40 23.92 7.12
N LEU A 398 16.16 22.76 6.53
CA LEU A 398 17.06 22.24 5.51
C LEU A 398 16.53 22.27 4.07
N GLY A 399 15.23 22.20 3.88
CA GLY A 399 14.68 21.91 2.55
C GLY A 399 14.73 20.42 2.28
N GLU A 400 14.04 19.99 1.21
CA GLU A 400 13.94 18.56 0.88
C GLU A 400 15.30 17.88 0.73
N TYR A 401 16.17 18.50 -0.04
CA TYR A 401 17.40 17.86 -0.47
C TYR A 401 18.34 17.62 0.70
N LYS A 402 18.65 18.66 1.46
CA LYS A 402 19.53 18.51 2.61
C LYS A 402 18.88 17.66 3.72
N PHE A 403 17.56 17.65 3.80
CA PHE A 403 16.83 16.76 4.72
C PHE A 403 17.07 15.32 4.30
N GLN A 404 16.94 15.03 3.01
CA GLN A 404 17.26 13.70 2.54
C GLN A 404 18.68 13.41 2.88
N ASN A 405 19.56 14.38 2.68
CA ASN A 405 20.97 14.15 3.01
C ASN A 405 21.20 13.81 4.46
N ALA A 406 20.45 14.46 5.33
CA ALA A 406 20.54 14.17 6.74
C ALA A 406 20.07 12.75 7.00
N LEU A 407 19.00 12.33 6.34
CA LEU A 407 18.49 10.98 6.60
C LEU A 407 19.45 9.92 6.09
N LEU A 408 19.98 10.14 4.90
CA LEU A 408 21.00 9.24 4.37
C LEU A 408 22.08 8.92 5.37
N VAL A 409 22.65 9.95 5.97
CA VAL A 409 23.68 9.73 6.95
C VAL A 409 23.16 8.88 8.11
N ARG A 410 22.02 9.27 8.64
CA ARG A 410 21.40 8.62 9.76
C ARG A 410 21.20 7.17 9.39
N TYR A 411 20.47 6.91 8.32
CA TYR A 411 20.16 5.51 7.99
C TYR A 411 21.38 4.70 7.64
N THR A 412 22.28 5.29 6.87
CA THR A 412 23.51 4.59 6.54
C THR A 412 24.33 4.27 7.76
N LYS A 413 24.31 5.16 8.74
CA LYS A 413 25.06 4.90 9.97
C LYS A 413 24.35 3.82 10.82
N LYS A 414 23.04 3.71 10.65
CA LYS A 414 22.26 2.72 11.37
C LYS A 414 22.55 1.35 10.75
N VAL A 415 22.32 1.20 9.45
CA VAL A 415 22.43 -0.09 8.81
C VAL A 415 23.36 -0.09 7.59
N PRO A 416 24.63 0.16 7.83
CA PRO A 416 25.58 0.31 6.71
C PRO A 416 25.76 -0.93 5.85
N GLN A 417 25.28 -2.09 6.27
CA GLN A 417 25.44 -3.32 5.46
C GLN A 417 24.48 -3.31 4.28
N VAL A 418 23.42 -2.52 4.36
CA VAL A 418 22.43 -2.44 3.29
C VAL A 418 23.10 -1.87 2.08
N SER A 419 22.63 -2.25 0.92
CA SER A 419 23.28 -1.83 -0.32
C SER A 419 23.06 -0.34 -0.53
N THR A 420 23.95 0.24 -1.30
CA THR A 420 23.90 1.67 -1.55
C THR A 420 22.67 2.11 -2.34
N PRO A 421 22.39 1.46 -3.46
CA PRO A 421 21.16 1.78 -4.17
C PRO A 421 19.98 1.83 -3.21
N THR A 422 19.88 0.83 -2.34
CA THR A 422 18.74 0.74 -1.46
C THR A 422 18.69 1.90 -0.53
N LEU A 423 19.81 2.24 0.07
CA LEU A 423 19.85 3.30 1.05
C LEU A 423 19.43 4.63 0.41
N VAL A 424 19.87 4.85 -0.82
CA VAL A 424 19.54 6.07 -1.51
C VAL A 424 18.05 6.12 -1.80
N GLU A 425 17.53 5.01 -2.30
CA GLU A 425 16.14 4.99 -2.73
C GLU A 425 15.28 5.23 -1.48
N VAL A 426 15.62 4.53 -0.41
CA VAL A 426 14.78 4.55 0.76
C VAL A 426 14.87 5.87 1.47
N SER A 427 16.07 6.43 1.55
CA SER A 427 16.29 7.71 2.26
C SER A 427 15.67 8.88 1.53
N ARG A 428 15.79 8.91 0.21
CA ARG A 428 15.13 9.94 -0.55
C ARG A 428 13.65 9.88 -0.24
N ASN A 429 13.11 8.66 -0.17
CA ASN A 429 11.69 8.54 0.05
C ASN A 429 11.28 8.97 1.43
N LEU A 430 12.13 8.73 2.42
CA LEU A 430 11.82 9.12 3.80
C LEU A 430 11.80 10.62 3.85
N GLY A 431 12.70 11.23 3.09
CA GLY A 431 12.80 12.68 3.03
C GLY A 431 11.58 13.35 2.43
N LYS A 432 10.98 12.71 1.43
CA LYS A 432 9.75 13.20 0.80
C LYS A 432 8.59 13.21 1.78
N VAL A 433 8.72 12.61 2.97
CA VAL A 433 7.64 12.77 3.93
C VAL A 433 7.43 14.22 4.31
N GLY A 434 8.53 14.96 4.38
CA GLY A 434 8.52 16.29 4.95
C GLY A 434 7.80 17.26 4.07
N SER A 435 7.99 17.10 2.77
CA SER A 435 7.25 17.90 1.80
C SER A 435 5.80 17.49 1.83
N LYS A 436 5.55 16.19 2.00
CA LYS A 436 4.18 15.71 2.04
C LYS A 436 3.36 16.17 3.25
N CYS A 437 4.01 16.28 4.39
CA CYS A 437 3.24 16.26 5.63
C CYS A 437 3.46 17.39 6.58
N CYS A 438 4.64 17.97 6.57
CA CYS A 438 4.90 19.10 7.43
C CYS A 438 4.01 20.29 7.03
N LYS A 439 3.76 20.45 5.74
CA LYS A 439 2.75 21.38 5.23
C LYS A 439 1.44 21.43 6.10
N HIS A 440 0.85 20.26 6.39
CA HIS A 440 -0.45 20.20 7.06
C HIS A 440 -0.41 20.78 8.46
N PRO A 441 -1.57 21.09 9.04
CA PRO A 441 -1.70 21.39 10.49
C PRO A 441 -1.48 20.21 11.49
N GLU A 442 -0.56 20.38 12.44
CA GLU A 442 -0.11 19.30 13.38
C GLU A 442 -1.28 18.68 14.10
N ALA A 443 -1.93 17.72 13.45
CA ALA A 443 -3.32 17.35 13.76
C ALA A 443 -3.90 16.50 12.63
N LYS A 444 -3.39 16.77 11.41
CA LYS A 444 -3.50 15.81 10.30
C LYS A 444 -2.13 15.21 9.93
N ARG A 445 -1.06 15.71 10.55
CA ARG A 445 0.31 15.28 10.27
C ARG A 445 0.58 13.81 10.49
N MET A 446 0.01 13.27 11.57
CA MET A 446 0.45 11.97 12.03
C MET A 446 0.02 10.89 11.10
N PRO A 447 -1.25 10.91 10.69
CA PRO A 447 -1.72 9.89 9.72
C PRO A 447 -0.93 10.05 8.44
N CYS A 448 -0.82 11.28 7.97
CA CYS A 448 -0.09 11.54 6.77
C CYS A 448 1.33 10.98 6.86
N ALA A 449 2.08 11.39 7.87
CA ALA A 449 3.45 10.96 8.03
C ALA A 449 3.57 9.49 8.36
N GLU A 450 3.09 9.08 9.53
CA GLU A 450 3.43 7.74 9.94
C GLU A 450 2.99 6.73 8.91
N ASP A 451 1.88 6.96 8.25
CA ASP A 451 1.42 5.97 7.27
C ASP A 451 2.23 5.97 5.94
N TYR A 452 2.76 7.12 5.58
CA TYR A 452 3.66 7.17 4.45
C TYR A 452 5.02 6.45 4.81
N LEU A 453 5.60 6.80 5.95
CA LEU A 453 6.76 6.06 6.50
C LEU A 453 6.65 4.52 6.48
N SER A 454 5.58 3.98 7.07
CA SER A 454 5.26 2.55 6.94
C SER A 454 5.58 2.07 5.53
N VAL A 455 5.03 2.77 4.54
CA VAL A 455 5.07 2.32 3.16
C VAL A 455 6.48 2.31 2.65
N VAL A 456 7.24 3.34 3.05
CA VAL A 456 8.63 3.46 2.66
C VAL A 456 9.44 2.36 3.34
N LEU A 457 9.25 2.18 4.65
CA LEU A 457 9.95 1.11 5.35
C LEU A 457 9.64 -0.23 4.75
N ASN A 458 8.42 -0.37 4.24
CA ASN A 458 8.07 -1.62 3.62
C ASN A 458 8.96 -1.87 2.42
N GLN A 459 9.08 -0.86 1.55
CA GLN A 459 9.93 -0.89 0.37
C GLN A 459 11.33 -1.33 0.77
N LEU A 460 11.84 -0.74 1.84
CA LEU A 460 13.12 -1.15 2.33
C LEU A 460 13.11 -2.63 2.69
N CYS A 461 12.08 -3.07 3.40
CA CYS A 461 12.05 -4.45 3.82
C CYS A 461 12.06 -5.36 2.66
N VAL A 462 11.17 -5.12 1.70
CA VAL A 462 11.03 -6.07 0.59
C VAL A 462 12.28 -6.12 -0.30
N LEU A 463 12.94 -4.98 -0.49
CA LEU A 463 14.17 -4.93 -1.24
C LEU A 463 15.20 -5.75 -0.46
N HIS A 464 15.42 -5.35 0.78
CA HIS A 464 16.37 -6.03 1.61
C HIS A 464 16.20 -7.54 1.63
N GLU A 465 14.97 -8.00 1.72
CA GLU A 465 14.74 -9.43 1.87
C GLU A 465 15.31 -10.26 0.72
N LYS A 466 15.48 -9.70 -0.47
CA LYS A 466 15.96 -10.53 -1.56
C LYS A 466 17.44 -10.81 -1.37
N THR A 467 18.15 -9.96 -0.64
CA THR A 467 19.54 -10.21 -0.25
C THR A 467 19.78 -9.75 1.20
N PRO A 468 19.37 -10.55 2.17
CA PRO A 468 19.51 -10.14 3.56
C PRO A 468 20.97 -9.95 3.91
N VAL A 469 21.39 -8.73 4.21
CA VAL A 469 22.75 -8.52 4.68
C VAL A 469 22.83 -8.05 6.15
N SER A 470 21.74 -7.49 6.64
CA SER A 470 21.70 -6.89 7.96
C SER A 470 20.65 -7.57 8.80
N ASP A 471 21.10 -8.22 9.88
CA ASP A 471 20.20 -8.78 10.89
C ASP A 471 19.32 -7.72 11.53
N ARG A 472 19.87 -6.54 11.75
CA ARG A 472 19.07 -5.49 12.35
C ARG A 472 17.85 -5.16 11.46
N VAL A 473 18.01 -5.10 10.14
CA VAL A 473 16.90 -4.76 9.26
C VAL A 473 15.87 -5.90 9.19
N THR A 474 16.36 -7.10 8.90
CA THR A 474 15.52 -8.30 8.96
C THR A 474 14.67 -8.38 10.23
N LYS A 475 15.31 -8.17 11.36
CA LYS A 475 14.64 -8.21 12.63
C LYS A 475 13.52 -7.22 12.69
N CYS A 476 13.81 -5.97 12.35
CA CYS A 476 12.79 -4.93 12.36
C CYS A 476 11.69 -5.15 11.35
N CYS A 477 12.00 -5.83 10.26
CA CYS A 477 11.01 -6.08 9.24
C CYS A 477 10.04 -7.20 9.61
N THR A 478 10.45 -8.01 10.60
CA THR A 478 9.85 -9.27 10.91
C THR A 478 9.13 -9.31 12.24
N GLU A 479 9.70 -8.72 13.29
CA GLU A 479 9.15 -8.92 14.64
C GLU A 479 7.71 -8.43 14.64
N SER A 480 7.49 -7.31 13.98
CA SER A 480 6.21 -6.65 14.12
C SER A 480 6.02 -5.64 13.03
N LEU A 481 4.98 -5.84 12.24
CA LEU A 481 4.58 -4.92 11.19
C LEU A 481 4.35 -3.54 11.73
N VAL A 482 3.54 -3.41 12.75
CA VAL A 482 3.15 -2.09 13.24
C VAL A 482 4.24 -1.35 13.97
N ASN A 483 5.19 -2.05 14.58
CA ASN A 483 6.34 -1.35 15.18
C ASN A 483 7.54 -1.12 14.27
N ARG A 484 7.50 -1.53 13.02
CA ARG A 484 8.63 -1.27 12.17
C ARG A 484 9.17 0.17 12.30
N ARG A 485 8.33 1.19 12.24
CA ARG A 485 8.84 2.57 12.21
C ARG A 485 9.56 2.88 13.54
N PRO A 486 8.88 2.70 14.68
CA PRO A 486 9.58 2.81 15.98
C PRO A 486 10.83 1.94 16.07
N CYS A 487 10.76 0.74 15.54
CA CYS A 487 11.89 -0.17 15.68
C CYS A 487 13.10 0.38 14.92
N PHE A 488 12.87 0.79 13.68
CA PHE A 488 13.92 1.38 12.90
C PHE A 488 14.39 2.67 13.50
N SER A 489 13.49 3.49 14.03
CA SER A 489 13.96 4.76 14.59
C SER A 489 14.73 4.51 15.87
N ALA A 490 14.59 3.34 16.49
CA ALA A 490 15.30 3.09 17.76
C ALA A 490 16.72 2.62 17.56
N LEU A 491 17.08 2.32 16.33
CA LEU A 491 18.40 1.82 16.06
C LEU A 491 19.48 2.90 16.32
N GLU A 492 20.50 2.53 17.06
CA GLU A 492 21.66 3.42 17.26
C GLU A 492 22.64 3.16 16.11
N VAL A 493 23.78 3.81 16.11
CA VAL A 493 24.70 3.63 15.01
C VAL A 493 25.38 2.29 15.18
N ASP A 494 25.68 1.64 14.09
CA ASP A 494 26.28 0.32 14.18
C ASP A 494 27.78 0.50 14.38
N GLU A 495 28.19 0.63 15.63
CA GLU A 495 29.61 0.83 15.93
C GLU A 495 30.54 -0.39 15.68
N THR A 496 30.00 -1.54 15.26
CA THR A 496 30.85 -2.69 14.91
C THR A 496 31.03 -2.92 13.40
N TYR A 497 30.49 -2.07 12.56
CA TYR A 497 30.61 -2.25 11.11
C TYR A 497 32.01 -2.03 10.57
N VAL A 498 32.55 -2.96 9.78
CA VAL A 498 33.92 -2.74 9.26
C VAL A 498 33.89 -1.96 7.97
N PRO A 499 34.52 -0.78 7.95
CA PRO A 499 34.40 0.11 6.80
C PRO A 499 35.07 -0.53 5.61
N LYS A 500 34.44 -0.45 4.44
CA LYS A 500 35.07 -1.06 3.24
C LYS A 500 36.18 -0.13 2.76
N GLU A 501 37.20 -0.71 2.13
CA GLU A 501 38.35 0.07 1.63
C GLU A 501 38.04 0.92 0.40
N PHE A 502 38.85 1.97 0.22
CA PHE A 502 38.48 3.09 -0.66
C PHE A 502 38.68 2.83 -2.13
N ASN A 503 37.78 3.42 -2.91
CA ASN A 503 37.79 3.33 -4.35
C ASN A 503 37.62 4.73 -4.89
N ALA A 504 38.76 5.40 -5.05
CA ALA A 504 38.82 6.67 -5.75
C ALA A 504 38.35 6.45 -7.18
N GLU A 505 37.04 6.38 -7.34
CA GLU A 505 36.38 6.11 -8.63
C GLU A 505 34.91 6.29 -8.34
N THR A 506 34.45 5.61 -7.29
CA THR A 506 33.14 5.88 -6.74
C THR A 506 33.02 7.33 -6.22
N PHE A 507 34.16 7.99 -5.99
CA PHE A 507 34.15 9.41 -5.61
C PHE A 507 34.65 10.35 -6.70
N THR A 508 34.90 9.85 -7.91
CA THR A 508 34.98 10.71 -9.08
C THR A 508 33.67 10.63 -9.83
N PHE A 509 33.49 11.65 -10.66
CA PHE A 509 32.27 11.89 -11.35
C PHE A 509 32.72 12.13 -12.76
N HIS A 510 31.89 11.84 -13.74
CA HIS A 510 32.32 11.98 -15.12
C HIS A 510 31.42 12.95 -15.89
N ALA A 511 31.88 13.39 -17.05
CA ALA A 511 31.23 14.50 -17.77
C ALA A 511 29.71 14.37 -18.02
N ASP A 512 29.21 13.13 -18.05
CA ASP A 512 27.80 12.88 -18.35
C ASP A 512 26.84 13.25 -17.21
N ILE A 513 27.37 13.76 -16.11
CA ILE A 513 26.52 14.22 -15.03
C ILE A 513 25.89 15.52 -15.47
N CYS A 514 26.71 16.30 -16.15
CA CYS A 514 26.30 17.56 -16.72
C CYS A 514 24.95 17.48 -17.43
N THR A 515 24.69 16.39 -18.16
CA THR A 515 23.54 16.38 -19.06
C THR A 515 22.31 15.72 -18.46
N LEU A 516 22.37 15.46 -17.17
CA LEU A 516 21.28 14.83 -16.45
C LEU A 516 20.44 15.83 -15.70
N SER A 517 19.18 15.47 -15.51
CA SER A 517 18.28 16.24 -14.67
C SER A 517 18.89 16.46 -13.30
N GLU A 518 18.57 17.59 -12.67
CA GLU A 518 18.99 17.85 -11.29
C GLU A 518 18.75 16.64 -10.39
N LYS A 519 17.58 16.03 -10.52
CA LYS A 519 17.25 14.87 -9.68
C LYS A 519 18.20 13.66 -9.88
N GLU A 520 18.52 13.34 -11.14
CA GLU A 520 19.47 12.25 -11.44
C GLU A 520 20.83 12.59 -10.91
N ARG A 521 21.12 13.87 -11.02
CA ARG A 521 22.36 14.45 -10.66
C ARG A 521 22.42 14.44 -9.16
N GLN A 522 21.29 14.69 -8.53
CA GLN A 522 21.22 14.54 -7.09
C GLN A 522 21.47 13.09 -6.67
N ILE A 523 20.96 12.16 -7.46
CA ILE A 523 21.05 10.77 -7.05
C ILE A 523 22.51 10.34 -7.06
N LYS A 524 23.30 10.94 -7.94
CA LYS A 524 24.70 10.64 -7.96
C LYS A 524 25.36 11.18 -6.69
N LYS A 525 25.06 12.43 -6.35
CA LYS A 525 25.68 13.10 -5.20
C LYS A 525 25.39 12.32 -3.92
N GLN A 526 24.17 11.86 -3.83
CA GLN A 526 23.75 11.10 -2.68
C GLN A 526 24.36 9.72 -2.70
N THR A 527 24.55 9.16 -3.88
CA THR A 527 25.22 7.88 -3.95
C THR A 527 26.62 7.98 -3.41
N ALA A 528 27.29 9.09 -3.65
CA ALA A 528 28.65 9.21 -3.27
C ALA A 528 28.63 9.49 -1.80
N LEU A 529 27.60 10.16 -1.33
CA LEU A 529 27.59 10.55 0.07
C LEU A 529 27.54 9.30 0.92
N VAL A 530 26.72 8.35 0.48
CA VAL A 530 26.51 7.09 1.19
C VAL A 530 27.79 6.33 1.19
N GLU A 531 28.43 6.28 0.02
CA GLU A 531 29.67 5.53 -0.10
C GLU A 531 30.70 6.09 0.87
N LEU A 532 30.65 7.39 1.09
CA LEU A 532 31.67 8.01 1.89
C LEU A 532 31.43 7.64 3.35
N VAL A 533 30.18 7.66 3.73
CA VAL A 533 29.83 7.31 5.10
C VAL A 533 30.23 5.86 5.41
N LYS A 534 30.02 4.95 4.47
CA LYS A 534 30.50 3.58 4.63
C LYS A 534 32.02 3.50 4.80
N HIS A 535 32.74 4.34 4.10
CA HIS A 535 34.20 4.34 4.19
C HIS A 535 34.72 4.98 5.45
N LYS A 536 34.12 6.07 5.88
CA LYS A 536 34.56 6.72 7.11
C LYS A 536 33.32 6.94 7.93
N PRO A 537 32.86 5.90 8.64
CA PRO A 537 31.63 5.98 9.37
C PRO A 537 31.77 6.79 10.62
N LYS A 538 33.00 7.00 11.08
CA LYS A 538 33.23 7.69 12.32
C LYS A 538 33.25 9.19 12.09
N ALA A 539 34.05 9.64 11.14
CA ALA A 539 34.25 11.09 10.94
C ALA A 539 33.02 11.61 10.21
N THR A 540 32.45 12.71 10.70
CA THR A 540 31.11 13.01 10.36
C THR A 540 30.50 14.30 10.88
N LYS A 541 29.30 14.58 10.36
CA LYS A 541 28.34 15.60 10.82
C LYS A 541 28.44 16.91 10.03
N GLU A 542 29.29 17.85 10.47
CA GLU A 542 29.54 19.05 9.64
C GLU A 542 30.28 18.63 8.37
N GLN A 543 31.34 17.85 8.53
CA GLN A 543 32.14 17.31 7.43
C GLN A 543 31.23 16.83 6.30
N LEU A 544 30.28 15.98 6.66
CA LEU A 544 29.35 15.43 5.71
C LEU A 544 28.48 16.46 5.02
N LYS A 545 27.98 17.46 5.74
CA LYS A 545 27.28 18.57 5.10
C LYS A 545 28.20 19.30 4.14
N ALA A 546 29.44 19.48 4.54
CA ALA A 546 30.40 20.23 3.77
C ALA A 546 30.86 19.43 2.58
N VAL A 547 30.78 18.11 2.68
CA VAL A 547 31.12 17.32 1.52
C VAL A 547 30.09 17.56 0.44
N MET A 548 28.79 17.49 0.74
CA MET A 548 27.76 17.72 -0.27
C MET A 548 27.90 19.09 -0.92
N ASP A 549 28.35 20.08 -0.17
CA ASP A 549 28.41 21.41 -0.74
C ASP A 549 29.48 21.45 -1.77
N ASP A 550 30.56 20.73 -1.52
CA ASP A 550 31.66 20.70 -2.46
C ASP A 550 31.28 19.93 -3.70
N PHE A 551 30.57 18.82 -3.49
CA PHE A 551 30.16 17.98 -4.59
C PHE A 551 29.32 18.86 -5.45
N ALA A 552 28.26 19.35 -4.82
CA ALA A 552 27.24 20.10 -5.54
C ALA A 552 27.80 21.42 -5.91
N ALA A 553 28.98 21.44 -6.53
CA ALA A 553 29.71 22.69 -6.76
C ALA A 553 30.83 22.48 -7.71
N PHE A 554 31.65 21.45 -7.51
CA PHE A 554 32.60 21.18 -8.58
C PHE A 554 31.96 20.43 -9.72
N VAL A 555 30.76 19.95 -9.49
CA VAL A 555 29.89 19.65 -10.58
C VAL A 555 29.55 20.98 -11.22
N GLU A 556 28.65 21.73 -10.61
CA GLU A 556 28.22 23.04 -11.16
C GLU A 556 29.39 23.97 -11.46
N LYS A 557 30.62 23.56 -11.13
CA LYS A 557 31.82 24.19 -11.67
C LYS A 557 32.29 23.48 -12.92
N CYS A 558 32.66 22.20 -12.79
CA CYS A 558 33.29 21.43 -13.88
C CYS A 558 32.46 21.44 -15.15
N CYS A 559 31.14 21.43 -14.97
CA CYS A 559 30.19 21.55 -16.07
C CYS A 559 30.16 22.94 -16.77
N LYS A 560 30.42 24.02 -16.03
CA LYS A 560 30.56 25.34 -16.65
C LYS A 560 31.90 25.51 -17.35
N ALA A 561 32.86 24.60 -17.11
CA ALA A 561 34.20 24.73 -17.66
C ALA A 561 34.23 25.00 -19.15
N ASP A 562 33.62 24.10 -19.92
CA ASP A 562 33.90 24.04 -21.35
C ASP A 562 35.42 23.97 -21.52
N ASP A 563 36.01 23.04 -20.77
CA ASP A 563 37.43 22.72 -20.81
C ASP A 563 37.46 21.20 -20.82
N LYS A 564 37.37 20.67 -22.05
CA LYS A 564 37.20 19.24 -22.36
C LYS A 564 36.51 18.38 -21.29
N GLU A 565 35.85 19.01 -20.31
CA GLU A 565 35.22 18.33 -19.13
C GLU A 565 36.10 17.27 -18.44
N THR A 566 37.40 17.30 -18.70
CA THR A 566 38.32 16.30 -18.14
C THR A 566 38.63 16.73 -16.72
N CYS A 567 38.56 18.06 -16.51
CA CYS A 567 38.32 18.70 -15.21
C CYS A 567 37.84 17.80 -14.05
N PHE A 568 36.90 16.90 -14.31
CA PHE A 568 36.45 15.96 -13.29
C PHE A 568 37.56 15.02 -12.86
N ALA A 569 38.29 14.50 -13.85
CA ALA A 569 39.55 13.80 -13.58
C ALA A 569 40.43 14.71 -12.73
N GLU A 570 40.52 15.98 -13.14
CA GLU A 570 41.31 17.01 -12.43
C GLU A 570 40.67 17.57 -11.11
N GLU A 571 39.69 16.87 -10.56
CA GLU A 571 39.40 16.96 -9.12
C GLU A 571 39.64 15.60 -8.44
N GLY A 572 40.07 14.61 -9.24
CA GLY A 572 40.38 13.26 -8.75
C GLY A 572 41.85 13.13 -8.43
N THR B 1 -41.12 -1.67 -1.66
CA THR B 1 -39.92 -2.19 -1.00
C THR B 1 -40.21 -2.39 0.47
N ILE B 2 -39.43 -3.28 1.11
CA ILE B 2 -39.09 -3.20 2.53
C ILE B 2 -37.97 -4.19 3.00
N ASP B 3 -36.74 -3.74 2.85
CA ASP B 3 -35.60 -4.43 3.46
C ASP B 3 -35.57 -4.28 4.98
N GLN B 4 -36.44 -3.46 5.55
CA GLN B 4 -36.46 -3.21 7.01
C GLN B 4 -36.97 -4.47 7.69
N TRP B 5 -37.98 -5.04 7.05
CA TRP B 5 -38.55 -6.28 7.47
C TRP B 5 -37.49 -7.37 7.42
N LEU B 6 -36.75 -7.46 6.32
CA LEU B 6 -35.62 -8.39 6.27
C LEU B 6 -34.57 -8.04 7.32
N LEU B 7 -34.27 -6.74 7.43
CA LEU B 7 -33.29 -6.26 8.43
C LEU B 7 -33.71 -6.77 9.80
N LYS B 8 -34.91 -6.38 10.25
CA LYS B 8 -35.50 -6.91 11.49
C LYS B 8 -35.28 -8.41 11.54
N ASN B 9 -35.62 -9.10 10.46
CA ASN B 9 -35.57 -10.56 10.44
C ASN B 9 -34.18 -11.15 10.47
N ALA B 10 -33.20 -10.46 9.93
CA ALA B 10 -31.84 -11.01 9.91
C ALA B 10 -31.21 -10.87 11.28
N LYS B 11 -31.54 -9.78 11.97
CA LYS B 11 -31.04 -9.51 13.32
C LYS B 11 -31.56 -10.57 14.25
N GLU B 12 -32.88 -10.59 14.44
CA GLU B 12 -33.53 -11.75 15.07
C GLU B 12 -32.94 -12.82 14.19
N ASP B 13 -32.43 -13.93 14.71
CA ASP B 13 -31.93 -15.02 13.79
C ASP B 13 -30.43 -15.16 13.76
N ALA B 14 -29.73 -14.14 13.32
CA ALA B 14 -28.31 -14.08 13.61
C ALA B 14 -28.13 -14.29 15.11
N ILE B 15 -28.90 -13.56 15.89
CA ILE B 15 -28.82 -13.64 17.34
C ILE B 15 -29.11 -15.08 17.76
N ALA B 16 -30.14 -15.71 17.19
CA ALA B 16 -30.45 -17.12 17.51
C ALA B 16 -29.26 -18.01 17.14
N GLU B 17 -28.69 -17.76 15.98
CA GLU B 17 -27.55 -18.51 15.51
C GLU B 17 -26.40 -18.39 16.50
N LEU B 18 -26.13 -17.17 16.96
CA LEU B 18 -25.03 -16.97 17.82
C LEU B 18 -25.30 -17.66 19.13
N LYS B 19 -26.49 -17.45 19.64
CA LYS B 19 -26.94 -18.12 20.86
C LYS B 19 -26.74 -19.60 20.74
N LYS B 20 -27.07 -20.17 19.59
CA LYS B 20 -26.90 -21.62 19.43
C LYS B 20 -25.44 -22.02 19.49
N ALA B 21 -24.55 -21.15 19.04
CA ALA B 21 -23.12 -21.44 19.10
C ALA B 21 -22.52 -21.15 20.48
N GLY B 22 -23.34 -20.68 21.41
CA GLY B 22 -22.89 -20.49 22.78
C GLY B 22 -22.35 -19.11 23.07
N ILE B 23 -22.62 -18.16 22.19
CA ILE B 23 -22.39 -16.76 22.50
C ILE B 23 -23.52 -16.29 23.41
N THR B 24 -23.14 -15.55 24.42
CA THR B 24 -24.02 -15.36 25.54
C THR B 24 -24.19 -13.92 25.95
N SER B 25 -23.55 -12.99 25.26
CA SER B 25 -23.46 -11.65 25.72
C SER B 25 -24.18 -10.62 24.83
N ASP B 26 -25.05 -9.86 25.44
CA ASP B 26 -25.63 -8.70 24.79
C ASP B 26 -24.62 -7.76 24.18
N PHE B 27 -23.36 -7.84 24.55
CA PHE B 27 -22.43 -6.88 23.96
C PHE B 27 -22.48 -7.14 22.47
N TYR B 28 -22.55 -8.42 22.09
CA TYR B 28 -22.52 -8.79 20.72
C TYR B 28 -23.94 -8.63 20.16
N PHE B 29 -24.96 -9.04 20.91
CA PHE B 29 -26.32 -8.91 20.38
C PHE B 29 -26.68 -7.45 20.16
N ASN B 30 -26.16 -6.58 20.99
CA ASN B 30 -26.42 -5.16 20.78
C ASN B 30 -25.84 -4.72 19.47
N ALA B 31 -24.67 -5.25 19.14
CA ALA B 31 -23.95 -4.75 17.97
C ALA B 31 -24.74 -5.21 16.77
N ILE B 32 -25.21 -6.43 16.79
CA ILE B 32 -26.01 -6.92 15.67
C ILE B 32 -27.18 -5.96 15.52
N ASN B 33 -27.76 -5.64 16.66
CA ASN B 33 -28.90 -4.79 16.64
C ASN B 33 -28.66 -3.38 16.11
N LYS B 34 -27.45 -2.85 16.29
CA LYS B 34 -27.14 -1.53 15.76
C LYS B 34 -27.01 -1.54 14.24
N ALA B 35 -26.92 -2.74 13.67
CA ALA B 35 -26.49 -2.92 12.27
C ALA B 35 -26.93 -1.90 11.18
N LYS B 36 -28.18 -1.85 10.74
CA LYS B 36 -28.52 -0.96 9.58
C LYS B 36 -28.47 -1.52 8.15
N THR B 37 -28.11 -2.77 7.98
CA THR B 37 -27.92 -3.32 6.66
C THR B 37 -27.73 -4.78 6.87
N VAL B 38 -28.38 -5.56 6.03
CA VAL B 38 -28.38 -6.99 6.19
C VAL B 38 -27.01 -7.55 5.95
N GLU B 39 -26.34 -7.11 4.91
CA GLU B 39 -25.00 -7.56 4.66
C GLU B 39 -24.12 -7.45 5.92
N GLU B 40 -24.29 -6.40 6.71
CA GLU B 40 -23.38 -6.20 7.83
C GLU B 40 -23.73 -7.10 9.01
N VAL B 41 -25.03 -7.33 9.14
CA VAL B 41 -25.48 -8.29 10.13
C VAL B 41 -24.74 -9.59 9.84
N ASN B 42 -24.78 -10.01 8.59
CA ASN B 42 -24.14 -11.25 8.19
C ASN B 42 -22.67 -11.29 8.45
N ALA B 43 -21.95 -10.28 8.01
CA ALA B 43 -20.51 -10.31 8.16
C ALA B 43 -20.14 -10.27 9.66
N LEU B 44 -20.91 -9.53 10.45
CA LEU B 44 -20.62 -9.35 11.85
C LEU B 44 -20.90 -10.68 12.51
N LYS B 45 -22.00 -11.29 12.15
CA LYS B 45 -22.32 -12.57 12.72
C LYS B 45 -21.25 -13.62 12.40
N ASN B 46 -20.83 -13.71 11.15
CA ASN B 46 -19.78 -14.65 10.80
C ASN B 46 -18.45 -14.39 11.53
N GLU B 47 -18.10 -13.11 11.71
CA GLU B 47 -16.82 -12.79 12.36
C GLU B 47 -16.89 -13.18 13.81
N ILE B 48 -18.07 -13.09 14.39
CA ILE B 48 -18.22 -13.50 15.77
C ILE B 48 -18.02 -15.02 15.83
N LEU B 49 -18.75 -15.76 14.96
CA LEU B 49 -18.66 -17.23 14.92
C LEU B 49 -17.23 -17.69 14.72
N LYS B 50 -16.53 -17.11 13.76
CA LYS B 50 -15.10 -17.39 13.58
C LYS B 50 -14.34 -17.08 14.87
N ALA B 51 -14.60 -15.92 15.46
CA ALA B 51 -13.88 -15.50 16.67
C ALA B 51 -14.11 -16.42 17.86
N HIS B 52 -15.29 -17.02 17.95
CA HIS B 52 -15.62 -17.80 19.12
C HIS B 52 -14.91 -19.17 19.13
N ALA B 53 -15.10 -19.95 18.08
CA ALA B 53 -14.34 -21.19 17.95
C ALA B 53 -12.84 -20.90 18.16
#